data_3KWS
#
_entry.id   3KWS
#
_cell.length_a   51.573
_cell.length_b   107.200
_cell.length_c   113.146
_cell.angle_alpha   90.00
_cell.angle_beta   90.00
_cell.angle_gamma   90.00
#
_symmetry.space_group_name_H-M   'P 21 21 21'
#
loop_
_entity.id
_entity.type
_entity.pdbx_description
1 polymer 'Putative sugar isomerase'
2 non-polymer 'MAGNESIUM ION'
3 non-polymer DI(HYDROXYETHYL)ETHER
4 water water
#
_entity_poly.entity_id   1
_entity_poly.type   'polypeptide(L)'
_entity_poly.pdbx_seq_one_letter_code
;GSCSSKPANTAKGEKGSDKTGKDLELKLSFQEGIAPGESLNEKLDF(MSE)EKLGVVGFEPGGGGLAGRVNEIKQALNGR
NIKVSAICAGFKGFILSTDPAIRKEC(MSE)DT(MSE)KEIIAAAGELGSTGVIIVPAFNGQVPALPHT(MSE)ETRDFL
CEQFNE(MSE)GTFAAQHGTSVIFEPLNRKECFYLRQVADAASLCRDINNPGVRC(MSE)GDFWH(MSE)TWEETSD
(MSE)GAFISGGEYLQHVHVASRKRRS(MSE)PGEDGDADNYINGFKGLK(MSE)IGYNNYVSFECGCQGDRNVVVPAAV
KLLREQWEQA
;
_entity_poly.pdbx_strand_id   A,B
#
loop_
_chem_comp.id
_chem_comp.type
_chem_comp.name
_chem_comp.formula
MG non-polymer 'MAGNESIUM ION' 'Mg 2'
PEG non-polymer DI(HYDROXYETHYL)ETHER 'C4 H10 O3'
#
# COMPACT_ATOMS: atom_id res chain seq x y z
N ASP A 23 25.19 2.85 9.11
CA ASP A 23 26.26 2.02 8.47
C ASP A 23 25.72 0.85 7.63
N LEU A 24 24.47 0.94 7.19
CA LEU A 24 23.90 -0.14 6.43
C LEU A 24 24.51 -0.09 5.03
N GLU A 25 25.00 -1.23 4.52
CA GLU A 25 25.58 -1.23 3.17
C GLU A 25 24.53 -1.45 2.06
N LEU A 26 24.82 -0.86 0.91
CA LEU A 26 24.08 -1.05 -0.33
C LEU A 26 24.72 -2.24 -1.04
N LYS A 27 23.99 -3.34 -1.25
CA LYS A 27 24.58 -4.47 -1.93
C LYS A 27 24.04 -4.49 -3.34
N LEU A 28 24.84 -3.99 -4.28
CA LEU A 28 24.41 -3.96 -5.67
C LEU A 28 24.48 -5.36 -6.33
N SER A 29 23.55 -5.61 -7.24
CA SER A 29 23.46 -6.85 -7.98
C SER A 29 23.14 -6.50 -9.41
N PHE A 30 23.53 -7.35 -10.33
CA PHE A 30 23.16 -7.19 -11.75
C PHE A 30 22.45 -8.44 -12.26
N GLN A 31 21.41 -8.25 -13.06
CA GLN A 31 20.91 -9.32 -13.90
C GLN A 31 22.01 -9.66 -14.92
N GLU A 32 21.90 -10.83 -15.50
CA GLU A 32 22.97 -11.33 -16.39
C GLU A 32 23.29 -10.46 -17.61
N GLY A 33 22.31 -9.78 -18.18
CA GLY A 33 22.55 -8.99 -19.38
C GLY A 33 23.03 -7.57 -19.16
N ILE A 34 23.28 -7.19 -17.91
CA ILE A 34 23.64 -5.80 -17.60
C ILE A 34 25.05 -5.42 -17.97
N ALA A 35 26.02 -6.22 -17.51
CA ALA A 35 27.43 -5.89 -17.73
C ALA A 35 27.90 -6.17 -19.15
N PRO A 36 28.81 -5.32 -19.67
CA PRO A 36 29.40 -5.63 -20.96
C PRO A 36 30.26 -6.89 -20.84
N GLY A 37 30.34 -7.65 -21.92
CA GLY A 37 31.20 -8.82 -21.94
C GLY A 37 30.68 -9.85 -22.87
N GLU A 38 31.59 -10.68 -23.38
CA GLU A 38 31.19 -11.70 -24.35
C GLU A 38 31.10 -13.08 -23.73
N SER A 39 31.25 -13.16 -22.42
CA SER A 39 31.11 -14.41 -21.73
C SER A 39 30.67 -14.09 -20.32
N LEU A 40 30.17 -15.09 -19.60
CA LEU A 40 29.80 -14.87 -18.22
C LEU A 40 31.01 -14.42 -17.41
N ASN A 41 32.18 -15.06 -17.59
CA ASN A 41 33.36 -14.64 -16.84
C ASN A 41 33.79 -13.20 -17.11
N GLU A 42 33.66 -12.75 -18.36
CA GLU A 42 33.98 -11.34 -18.67
C GLU A 42 33.03 -10.39 -17.94
N LYS A 43 31.74 -10.73 -17.94
CA LYS A 43 30.76 -9.90 -17.24
C LYS A 43 31.06 -9.88 -15.74
N LEU A 44 31.39 -11.03 -15.17
CA LEU A 44 31.74 -11.09 -13.76
C LEU A 44 33.00 -10.29 -13.46
N ASP A 45 33.97 -10.31 -14.38
CA ASP A 45 35.18 -9.55 -14.20
C ASP A 45 34.80 -8.08 -14.08
N PHE A 46 33.93 -7.62 -14.96
CA PHE A 46 33.46 -6.23 -15.00
C PHE A 46 32.74 -5.88 -13.69
N MSE A 47 31.92 -6.80 -13.19
CA MSE A 47 31.20 -6.58 -11.96
CA MSE A 47 31.20 -6.63 -11.95
C MSE A 47 32.16 -6.49 -10.77
O MSE A 47 31.99 -5.60 -9.88
CB MSE A 47 30.14 -7.66 -11.75
CB MSE A 47 30.25 -7.82 -11.73
CG MSE A 47 29.06 -7.58 -12.77
CG MSE A 47 28.92 -7.74 -12.48
SE MSE A 47 28.05 -9.21 -12.90
SE MSE A 47 27.73 -9.23 -12.08
CE MSE A 47 27.29 -9.20 -11.10
CE MSE A 47 27.78 -10.24 -13.72
N GLU A 48 33.18 -7.33 -10.75
CA GLU A 48 34.13 -7.26 -9.64
C GLU A 48 34.84 -5.90 -9.64
N LYS A 49 35.19 -5.39 -10.81
CA LYS A 49 35.90 -4.11 -10.88
CA LYS A 49 35.88 -4.10 -10.93
C LYS A 49 35.06 -2.99 -10.27
N LEU A 50 33.74 -3.07 -10.41
CA LEU A 50 32.85 -2.06 -9.84
C LEU A 50 32.33 -2.40 -8.42
N GLY A 51 32.79 -3.52 -7.85
CA GLY A 51 32.37 -3.98 -6.54
C GLY A 51 30.89 -4.37 -6.43
N VAL A 52 30.31 -4.81 -7.55
CA VAL A 52 28.93 -5.30 -7.61
C VAL A 52 29.04 -6.75 -7.11
N VAL A 53 28.31 -7.09 -6.06
CA VAL A 53 28.50 -8.36 -5.36
C VAL A 53 27.38 -9.38 -5.60
N GLY A 54 26.33 -9.00 -6.30
CA GLY A 54 25.21 -9.90 -6.57
C GLY A 54 25.04 -10.16 -8.05
N PHE A 55 24.72 -11.42 -8.39
CA PHE A 55 24.46 -11.87 -9.76
C PHE A 55 23.08 -12.51 -9.80
N GLU A 56 22.22 -12.03 -10.70
CA GLU A 56 20.82 -12.45 -10.77
C GLU A 56 20.52 -13.11 -12.11
N PRO A 57 20.64 -14.44 -12.20
CA PRO A 57 20.29 -15.10 -13.44
C PRO A 57 18.78 -15.39 -13.58
N GLY A 58 18.30 -15.56 -14.79
CA GLY A 58 16.92 -16.04 -14.98
C GLY A 58 16.84 -17.51 -14.52
N GLY A 59 15.63 -17.98 -14.19
CA GLY A 59 15.48 -19.34 -13.77
C GLY A 59 15.35 -20.36 -14.88
N GLY A 60 15.16 -19.93 -16.12
CA GLY A 60 15.06 -20.87 -17.26
C GLY A 60 16.29 -21.76 -17.38
N GLY A 61 16.09 -23.08 -17.23
CA GLY A 61 17.19 -24.05 -17.28
C GLY A 61 18.24 -23.91 -16.18
N LEU A 62 17.82 -23.35 -15.04
CA LEU A 62 18.76 -23.07 -13.96
C LEU A 62 19.41 -24.32 -13.41
N ALA A 63 18.65 -25.42 -13.25
CA ALA A 63 19.22 -26.65 -12.73
C ALA A 63 20.43 -27.06 -13.57
N GLY A 64 20.30 -26.89 -14.89
CA GLY A 64 21.36 -27.27 -15.79
C GLY A 64 22.53 -26.31 -15.84
N ARG A 65 22.41 -25.15 -15.17
CA ARG A 65 23.51 -24.17 -15.12
C ARG A 65 24.16 -24.08 -13.75
N VAL A 66 23.79 -24.96 -12.82
CA VAL A 66 24.34 -24.84 -11.45
C VAL A 66 25.83 -25.02 -11.48
N ASN A 67 26.34 -25.96 -12.28
CA ASN A 67 27.77 -26.18 -12.33
C ASN A 67 28.44 -24.98 -12.93
N GLU A 68 27.87 -24.48 -14.04
CA GLU A 68 28.41 -23.34 -14.76
C GLU A 68 28.56 -22.10 -13.84
N ILE A 69 27.51 -21.83 -13.08
CA ILE A 69 27.48 -20.66 -12.22
C ILE A 69 28.41 -20.86 -11.02
N LYS A 70 28.38 -22.03 -10.37
CA LYS A 70 29.34 -22.27 -9.28
C LYS A 70 30.79 -22.11 -9.72
N GLN A 71 31.10 -22.66 -10.87
CA GLN A 71 32.46 -22.61 -11.36
C GLN A 71 32.89 -21.19 -11.64
N ALA A 72 32.00 -20.42 -12.26
CA ALA A 72 32.30 -19.04 -12.62
C ALA A 72 32.47 -18.16 -11.39
N LEU A 73 31.72 -18.45 -10.33
CA LEU A 73 31.79 -17.65 -9.12
C LEU A 73 32.96 -18.06 -8.18
N ASN A 74 33.59 -19.20 -8.43
CA ASN A 74 34.67 -19.66 -7.56
CA ASN A 74 34.67 -19.65 -7.54
C ASN A 74 35.76 -18.60 -7.46
N GLY A 75 36.13 -18.26 -6.22
CA GLY A 75 37.17 -17.27 -5.97
C GLY A 75 36.75 -15.82 -6.15
N ARG A 76 35.48 -15.57 -6.44
CA ARG A 76 35.03 -14.23 -6.70
C ARG A 76 34.26 -13.66 -5.54
N ASN A 77 34.25 -12.33 -5.42
CA ASN A 77 33.43 -11.66 -4.45
C ASN A 77 32.06 -11.36 -5.10
N ILE A 78 31.42 -12.41 -5.59
CA ILE A 78 30.09 -12.30 -6.19
C ILE A 78 29.33 -13.53 -5.74
N LYS A 79 28.07 -13.31 -5.38
CA LYS A 79 27.16 -14.39 -5.01
C LYS A 79 25.89 -14.25 -5.84
N VAL A 80 25.19 -15.37 -6.03
CA VAL A 80 23.86 -15.31 -6.62
C VAL A 80 22.90 -14.59 -5.67
N SER A 81 22.22 -13.60 -6.19
CA SER A 81 21.19 -12.91 -5.45
C SER A 81 19.85 -13.62 -5.67
N ALA A 82 18.89 -12.97 -6.32
CA ALA A 82 17.63 -13.59 -6.64
C ALA A 82 17.76 -14.37 -7.95
N ILE A 83 16.73 -15.18 -8.20
CA ILE A 83 16.52 -15.88 -9.49
C ILE A 83 15.33 -15.20 -10.10
N CYS A 84 15.45 -14.72 -11.33
CA CYS A 84 14.33 -14.03 -11.92
C CYS A 84 13.46 -14.99 -12.73
N ALA A 85 12.35 -15.40 -12.11
CA ALA A 85 11.30 -16.20 -12.76
C ALA A 85 11.85 -17.43 -13.48
N GLY A 86 11.35 -17.73 -14.67
CA GLY A 86 11.83 -18.90 -15.44
C GLY A 86 10.85 -20.06 -15.49
N PHE A 87 9.80 -19.98 -14.67
CA PHE A 87 8.77 -21.00 -14.56
C PHE A 87 7.84 -20.91 -15.75
N LYS A 88 7.13 -22.02 -16.00
CA LYS A 88 6.14 -22.07 -17.06
C LYS A 88 4.74 -22.01 -16.46
N GLY A 89 3.77 -21.63 -17.29
CA GLY A 89 2.39 -21.51 -16.83
C GLY A 89 2.28 -20.35 -15.85
N PHE A 90 1.19 -20.34 -15.08
CA PHE A 90 0.97 -19.32 -14.04
C PHE A 90 -0.04 -19.86 -13.03
N ILE A 91 0.14 -19.46 -11.78
CA ILE A 91 -0.58 -20.05 -10.65
C ILE A 91 -2.05 -19.68 -10.57
N LEU A 92 -2.44 -18.63 -11.31
CA LEU A 92 -3.80 -18.12 -11.31
C LEU A 92 -4.63 -18.56 -12.51
N SER A 93 -4.08 -19.47 -13.33
CA SER A 93 -4.84 -20.02 -14.46
C SER A 93 -6.10 -20.75 -13.98
N THR A 94 -7.18 -20.71 -14.76
CA THR A 94 -8.38 -21.49 -14.42
C THR A 94 -8.17 -22.98 -14.79
N ASP A 95 -7.08 -23.27 -15.51
CA ASP A 95 -6.73 -24.65 -15.93
C ASP A 95 -5.82 -25.31 -14.91
N PRO A 96 -6.31 -26.36 -14.24
CA PRO A 96 -5.47 -26.99 -13.20
C PRO A 96 -4.10 -27.47 -13.71
N ALA A 97 -4.03 -27.89 -14.98
CA ALA A 97 -2.79 -28.41 -15.58
C ALA A 97 -1.74 -27.27 -15.71
N ILE A 98 -2.22 -26.08 -16.02
CA ILE A 98 -1.35 -24.91 -16.15
C ILE A 98 -0.87 -24.48 -14.75
N ARG A 99 -1.75 -24.49 -13.77
CA ARG A 99 -1.35 -24.18 -12.39
C ARG A 99 -0.30 -25.17 -11.92
N LYS A 100 -0.51 -26.45 -12.22
CA LYS A 100 0.47 -27.49 -11.84
C LYS A 100 1.80 -27.31 -12.55
N GLU A 101 1.78 -26.87 -13.81
CA GLU A 101 3.00 -26.62 -14.56
CA GLU A 101 3.06 -26.67 -14.51
C GLU A 101 3.81 -25.54 -13.81
N CYS A 102 3.08 -24.52 -13.36
CA CYS A 102 3.74 -23.44 -12.62
C CYS A 102 4.38 -23.98 -11.34
N MSE A 103 3.61 -24.73 -10.57
CA MSE A 103 4.11 -25.28 -9.31
C MSE A 103 5.31 -26.21 -9.53
O MSE A 103 6.30 -26.06 -8.82
CB MSE A 103 3.00 -26.04 -8.58
CG MSE A 103 3.41 -26.69 -7.25
SE MSE A 103 3.91 -25.38 -5.91
CE MSE A 103 2.08 -24.70 -5.56
N ASP A 104 5.19 -27.12 -10.49
CA ASP A 104 6.25 -28.09 -10.77
C ASP A 104 7.52 -27.43 -11.26
N THR A 105 7.39 -26.48 -12.19
CA THR A 105 8.58 -25.78 -12.76
C THR A 105 9.19 -24.84 -11.71
N MSE A 106 8.35 -24.25 -10.84
CA MSE A 106 8.86 -23.43 -9.73
CA MSE A 106 8.88 -23.42 -9.75
C MSE A 106 9.69 -24.28 -8.78
O MSE A 106 10.76 -23.87 -8.38
CB MSE A 106 7.74 -22.78 -8.94
CB MSE A 106 7.78 -22.70 -8.98
CG MSE A 106 7.29 -21.44 -9.47
CG MSE A 106 7.24 -21.47 -9.66
SE MSE A 106 8.71 -20.13 -9.51
SE MSE A 106 8.41 -19.92 -9.68
CE MSE A 106 9.59 -20.70 -7.93
CE MSE A 106 8.59 -19.63 -7.73
N LYS A 107 9.19 -25.46 -8.44
CA LYS A 107 9.97 -26.35 -7.55
C LYS A 107 11.34 -26.75 -8.13
N GLU A 108 11.42 -27.01 -9.43
CA GLU A 108 12.70 -27.31 -10.10
CA GLU A 108 12.72 -27.32 -10.06
C GLU A 108 13.67 -26.12 -9.88
N ILE A 109 13.17 -24.92 -10.13
CA ILE A 109 13.97 -23.68 -10.01
C ILE A 109 14.39 -23.41 -8.56
N ILE A 110 13.45 -23.62 -7.63
CA ILE A 110 13.68 -23.41 -6.23
C ILE A 110 14.81 -24.31 -5.73
N ALA A 111 14.81 -25.59 -6.11
CA ALA A 111 15.85 -26.48 -5.66
C ALA A 111 17.21 -25.97 -6.18
N ALA A 112 17.26 -25.53 -7.44
CA ALA A 112 18.53 -25.00 -8.02
C ALA A 112 18.95 -23.70 -7.32
N ALA A 113 17.97 -22.85 -7.01
CA ALA A 113 18.20 -21.59 -6.31
C ALA A 113 18.85 -21.84 -4.96
N GLY A 114 18.36 -22.85 -4.28
CA GLY A 114 18.88 -23.25 -2.98
C GLY A 114 20.31 -23.73 -3.09
N GLU A 115 20.63 -24.52 -4.12
CA GLU A 115 22.00 -24.99 -4.31
C GLU A 115 22.99 -23.83 -4.55
N LEU A 116 22.47 -22.74 -5.13
CA LEU A 116 23.24 -21.56 -5.46
C LEU A 116 23.19 -20.49 -4.37
N GLY A 117 22.51 -20.78 -3.25
CA GLY A 117 22.51 -19.80 -2.14
C GLY A 117 21.69 -18.55 -2.41
N SER A 118 20.72 -18.69 -3.32
CA SER A 118 19.92 -17.55 -3.74
C SER A 118 19.03 -17.03 -2.65
N THR A 119 18.79 -15.71 -2.65
CA THR A 119 17.82 -15.14 -1.72
C THR A 119 16.35 -15.48 -2.04
N GLY A 120 16.09 -15.97 -3.26
CA GLY A 120 14.75 -16.37 -3.64
C GLY A 120 14.44 -16.28 -5.11
N VAL A 121 13.32 -16.92 -5.49
CA VAL A 121 12.87 -16.99 -6.85
C VAL A 121 11.70 -16.06 -7.03
N ILE A 122 11.86 -15.12 -7.94
CA ILE A 122 10.84 -14.10 -8.23
C ILE A 122 9.72 -14.65 -9.07
N ILE A 123 8.49 -14.33 -8.66
CA ILE A 123 7.29 -14.79 -9.32
C ILE A 123 6.14 -13.78 -9.30
N VAL A 124 5.61 -13.57 -10.49
CA VAL A 124 4.42 -12.74 -10.73
C VAL A 124 3.22 -13.67 -10.83
N PRO A 125 2.19 -13.50 -9.96
CA PRO A 125 0.99 -14.35 -9.99
C PRO A 125 0.33 -14.44 -11.36
N ALA A 126 0.14 -13.30 -12.04
CA ALA A 126 -0.45 -13.30 -13.38
C ALA A 126 -0.18 -12.01 -14.11
N PHE A 127 0.34 -12.14 -15.32
CA PHE A 127 0.47 -10.99 -16.21
C PHE A 127 -0.87 -10.72 -16.90
N ASN A 128 -1.04 -9.51 -17.45
CA ASN A 128 -2.27 -9.15 -18.17
C ASN A 128 -2.68 -10.18 -19.24
N GLY A 129 -1.73 -10.67 -20.02
CA GLY A 129 -2.13 -11.61 -21.10
C GLY A 129 -2.29 -13.08 -20.69
N GLN A 130 -2.14 -13.37 -19.40
CA GLN A 130 -2.26 -14.75 -18.90
C GLN A 130 -3.73 -14.95 -18.53
N VAL A 131 -4.46 -15.48 -19.50
CA VAL A 131 -5.91 -15.62 -19.41
C VAL A 131 -6.30 -16.93 -20.07
N PRO A 132 -7.40 -17.56 -19.62
CA PRO A 132 -8.31 -17.13 -18.54
C PRO A 132 -7.64 -17.34 -17.19
N ALA A 133 -7.92 -16.41 -16.30
CA ALA A 133 -7.39 -16.40 -14.97
C ALA A 133 -8.53 -16.35 -13.96
N LEU A 134 -8.22 -16.82 -12.77
CA LEU A 134 -9.13 -16.76 -11.67
C LEU A 134 -9.47 -15.27 -11.42
N PRO A 135 -10.69 -15.00 -11.04
CA PRO A 135 -11.05 -13.58 -10.80
C PRO A 135 -10.41 -12.98 -9.54
N HIS A 136 -10.30 -11.64 -9.50
CA HIS A 136 -9.65 -10.96 -8.39
C HIS A 136 -10.71 -10.81 -7.28
N THR A 137 -10.82 -11.87 -6.48
CA THR A 137 -11.74 -11.96 -5.38
C THR A 137 -11.07 -12.50 -4.13
N MSE A 138 -11.77 -12.40 -3.01
CA MSE A 138 -11.20 -12.90 -1.76
CA MSE A 138 -11.27 -12.92 -1.73
C MSE A 138 -10.96 -14.42 -1.85
O MSE A 138 -9.91 -14.92 -1.36
CB MSE A 138 -12.06 -12.54 -0.56
CB MSE A 138 -12.30 -12.67 -0.63
CG MSE A 138 -11.37 -12.72 0.79
CG MSE A 138 -11.93 -13.08 0.81
SE MSE A 138 -9.90 -11.53 1.06
SE MSE A 138 -10.28 -12.27 1.53
CE MSE A 138 -9.03 -12.72 2.30
CE MSE A 138 -10.30 -10.45 0.91
N GLU A 139 -11.88 -15.14 -2.49
CA GLU A 139 -11.71 -16.58 -2.70
CA GLU A 139 -11.72 -16.59 -2.70
C GLU A 139 -10.42 -16.90 -3.49
N THR A 140 -10.12 -16.12 -4.52
CA THR A 140 -8.86 -16.31 -5.27
C THR A 140 -7.65 -15.97 -4.43
N ARG A 141 -7.74 -14.91 -3.64
CA ARG A 141 -6.66 -14.52 -2.75
C ARG A 141 -6.34 -15.65 -1.77
N ASP A 142 -7.38 -16.28 -1.22
CA ASP A 142 -7.20 -17.43 -0.31
C ASP A 142 -6.49 -18.61 -1.01
N PHE A 143 -6.88 -18.89 -2.23
CA PHE A 143 -6.24 -19.94 -3.04
C PHE A 143 -4.80 -19.58 -3.34
N LEU A 144 -4.55 -18.32 -3.73
CA LEU A 144 -3.17 -17.88 -3.98
C LEU A 144 -2.30 -18.08 -2.70
N CYS A 145 -2.84 -17.77 -1.52
CA CYS A 145 -2.13 -17.92 -0.28
C CYS A 145 -1.82 -19.42 -0.02
N GLU A 146 -2.77 -20.29 -0.30
CA GLU A 146 -2.54 -21.74 -0.13
C GLU A 146 -1.42 -22.24 -1.01
N GLN A 147 -1.45 -21.78 -2.26
CA GLN A 147 -0.43 -22.23 -3.22
C GLN A 147 0.97 -21.71 -2.86
N PHE A 148 1.06 -20.44 -2.51
CA PHE A 148 2.34 -19.88 -2.08
C PHE A 148 2.83 -20.52 -0.78
N ASN A 149 1.93 -20.94 0.09
CA ASN A 149 2.37 -21.58 1.30
C ASN A 149 3.05 -22.90 0.95
N GLU A 150 2.49 -23.63 0.00
CA GLU A 150 3.13 -24.87 -0.46
C GLU A 150 4.51 -24.58 -1.09
N MSE A 151 4.62 -23.54 -1.93
N MSE A 151 4.55 -23.55 -1.94
CA MSE A 151 5.93 -23.24 -2.54
CA MSE A 151 5.81 -23.16 -2.57
C MSE A 151 6.91 -22.79 -1.47
C MSE A 151 6.83 -22.82 -1.50
O MSE A 151 8.09 -23.10 -1.54
O MSE A 151 7.96 -23.25 -1.59
CB MSE A 151 5.83 -22.16 -3.64
CB MSE A 151 5.66 -21.91 -3.44
CG MSE A 151 4.66 -22.30 -4.61
CG MSE A 151 5.08 -22.20 -4.72
SE MSE A 151 4.95 -21.66 -6.49
SE MSE A 151 4.94 -20.48 -5.68
CE MSE A 151 6.11 -20.19 -6.19
CE MSE A 151 3.72 -21.04 -7.10
N GLY A 152 6.41 -22.03 -0.50
CA GLY A 152 7.29 -21.51 0.57
C GLY A 152 7.85 -22.57 1.48
N THR A 153 7.01 -23.58 1.79
CA THR A 153 7.44 -24.68 2.64
C THR A 153 8.56 -25.38 1.91
N PHE A 154 8.39 -25.60 0.60
CA PHE A 154 9.42 -26.26 -0.22
C PHE A 154 10.70 -25.42 -0.30
N ALA A 155 10.53 -24.13 -0.56
CA ALA A 155 11.70 -23.23 -0.63
C ALA A 155 12.49 -23.18 0.67
N ALA A 156 11.79 -23.07 1.80
CA ALA A 156 12.43 -23.05 3.12
C ALA A 156 13.23 -24.36 3.33
N GLN A 157 12.65 -25.48 2.87
CA GLN A 157 13.36 -26.76 2.99
C GLN A 157 14.67 -26.70 2.23
N HIS A 158 14.70 -25.92 1.15
CA HIS A 158 15.86 -25.76 0.31
C HIS A 158 16.69 -24.50 0.63
N GLY A 159 16.41 -23.86 1.75
CA GLY A 159 17.20 -22.72 2.17
C GLY A 159 16.99 -21.44 1.42
N THR A 160 15.85 -21.30 0.77
CA THR A 160 15.56 -20.12 -0.04
C THR A 160 14.08 -19.66 0.13
N SER A 161 13.56 -18.88 -0.80
CA SER A 161 12.19 -18.38 -0.72
C SER A 161 11.65 -18.22 -2.11
N VAL A 162 10.36 -17.90 -2.19
CA VAL A 162 9.72 -17.42 -3.38
C VAL A 162 9.37 -15.98 -3.06
N ILE A 163 9.42 -15.13 -4.07
CA ILE A 163 9.33 -13.70 -3.89
C ILE A 163 8.27 -13.10 -4.82
N PHE A 164 7.16 -12.66 -4.27
CA PHE A 164 6.16 -11.97 -5.06
C PHE A 164 6.72 -10.69 -5.65
N GLU A 165 6.46 -10.46 -6.94
CA GLU A 165 6.82 -9.18 -7.56
C GLU A 165 5.61 -8.45 -8.07
N PRO A 166 5.31 -7.28 -7.48
CA PRO A 166 4.26 -6.41 -8.02
C PRO A 166 4.77 -5.72 -9.29
N LEU A 167 3.92 -5.67 -10.33
CA LEU A 167 4.22 -4.99 -11.58
C LEU A 167 3.25 -3.85 -11.81
N ASN A 168 3.56 -2.94 -12.73
CA ASN A 168 2.65 -1.86 -13.03
C ASN A 168 1.57 -2.33 -13.99
N ARG A 169 0.51 -1.54 -14.02
CA ARG A 169 -0.71 -1.77 -14.79
C ARG A 169 -0.50 -2.15 -16.28
N LYS A 170 0.55 -1.67 -16.94
CA LYS A 170 0.83 -2.00 -18.35
CA LYS A 170 0.78 -2.01 -18.36
C LYS A 170 1.19 -3.47 -18.51
N GLU A 171 1.62 -4.11 -17.42
CA GLU A 171 2.00 -5.51 -17.44
C GLU A 171 1.12 -6.42 -16.62
N CYS A 172 0.53 -5.90 -15.55
CA CYS A 172 -0.40 -6.74 -14.75
C CYS A 172 -1.38 -5.88 -14.01
N PHE A 173 -2.50 -6.48 -13.62
CA PHE A 173 -3.44 -5.81 -12.72
C PHE A 173 -3.50 -6.45 -11.35
N TYR A 174 -3.34 -7.77 -11.30
CA TYR A 174 -3.58 -8.53 -10.08
C TYR A 174 -2.80 -8.03 -8.86
N LEU A 175 -1.48 -7.88 -9.00
CA LEU A 175 -0.63 -7.46 -7.89
C LEU A 175 0.31 -6.36 -8.38
N ARG A 176 0.03 -5.15 -7.91
CA ARG A 176 0.69 -3.91 -8.36
C ARG A 176 1.49 -3.13 -7.30
N GLN A 177 1.19 -3.32 -6.01
CA GLN A 177 1.83 -2.59 -4.94
C GLN A 177 2.54 -3.45 -3.90
N VAL A 178 3.60 -2.89 -3.35
CA VAL A 178 4.41 -3.55 -2.34
C VAL A 178 3.60 -3.84 -1.08
N ALA A 179 2.77 -2.91 -0.64
CA ALA A 179 1.95 -3.13 0.59
C ALA A 179 1.02 -4.32 0.41
N ASP A 180 0.48 -4.50 -0.77
CA ASP A 180 -0.39 -5.65 -1.09
C ASP A 180 0.40 -6.95 -0.98
N ALA A 181 1.56 -6.98 -1.63
CA ALA A 181 2.44 -8.18 -1.57
C ALA A 181 2.84 -8.49 -0.14
N ALA A 182 3.14 -7.45 0.65
CA ALA A 182 3.56 -7.63 2.05
C ALA A 182 2.43 -8.19 2.91
N SER A 183 1.22 -7.76 2.65
CA SER A 183 0.06 -8.26 3.40
C SER A 183 -0.17 -9.75 3.04
N LEU A 184 0.04 -10.10 1.78
CA LEU A 184 -0.05 -11.51 1.37
C LEU A 184 0.98 -12.27 2.17
N CYS A 185 2.20 -11.77 2.22
CA CYS A 185 3.24 -12.47 2.99
C CYS A 185 2.88 -12.62 4.47
N ARG A 186 2.36 -11.56 5.07
CA ARG A 186 2.00 -11.62 6.50
C ARG A 186 0.92 -12.66 6.75
N ASP A 187 -0.07 -12.71 5.86
CA ASP A 187 -1.17 -13.68 6.00
C ASP A 187 -0.70 -15.11 5.78
N ILE A 188 0.23 -15.30 4.84
CA ILE A 188 0.75 -16.62 4.52
C ILE A 188 1.64 -17.12 5.67
N ASN A 189 2.42 -16.20 6.24
CA ASN A 189 3.22 -16.43 7.46
C ASN A 189 4.11 -17.66 7.33
N ASN A 190 4.97 -17.61 6.34
CA ASN A 190 5.87 -18.73 6.00
C ASN A 190 7.25 -18.15 5.74
N PRO A 191 8.29 -18.66 6.45
N PRO A 191 8.30 -18.71 6.41
CA PRO A 191 9.65 -18.17 6.19
CA PRO A 191 9.63 -18.11 6.14
C PRO A 191 10.15 -18.32 4.73
C PRO A 191 10.02 -18.15 4.66
N GLY A 192 9.45 -19.08 3.91
CA GLY A 192 9.76 -19.26 2.49
C GLY A 192 9.01 -18.37 1.53
N VAL A 193 8.18 -17.46 2.05
CA VAL A 193 7.37 -16.57 1.22
C VAL A 193 7.66 -15.11 1.55
N ARG A 194 8.18 -14.41 0.54
CA ARG A 194 8.64 -13.05 0.69
C ARG A 194 8.13 -12.19 -0.47
N CYS A 195 8.53 -10.92 -0.52
CA CYS A 195 8.10 -10.02 -1.57
C CYS A 195 9.23 -9.07 -1.92
N MSE A 196 8.99 -8.27 -2.93
CA MSE A 196 9.98 -7.30 -3.40
C MSE A 196 9.29 -6.07 -3.96
O MSE A 196 8.07 -6.06 -4.14
CB MSE A 196 10.83 -7.91 -4.48
CG MSE A 196 10.12 -8.32 -5.79
SE MSE A 196 11.42 -8.85 -7.14
CE MSE A 196 12.12 -7.09 -7.45
N GLY A 197 10.12 -5.08 -4.29
CA GLY A 197 9.67 -3.88 -5.00
C GLY A 197 10.62 -3.67 -6.17
N ASP A 198 10.09 -3.21 -7.30
CA ASP A 198 10.89 -2.92 -8.48
C ASP A 198 10.70 -1.42 -8.74
N PHE A 199 11.77 -0.64 -8.60
CA PHE A 199 11.63 0.81 -8.78
C PHE A 199 10.94 1.26 -10.10
N TRP A 200 11.11 0.53 -11.19
CA TRP A 200 10.43 0.84 -12.42
C TRP A 200 8.89 0.78 -12.18
N HIS A 201 8.43 -0.36 -11.73
CA HIS A 201 7.00 -0.56 -11.50
C HIS A 201 6.47 0.40 -10.44
N MSE A 202 7.24 0.62 -9.39
CA MSE A 202 6.87 1.53 -8.25
C MSE A 202 6.66 2.95 -8.73
O MSE A 202 5.86 3.68 -8.18
CB MSE A 202 7.91 1.43 -7.11
CG MSE A 202 8.03 0.07 -6.51
SE MSE A 202 9.60 -0.09 -5.40
CE MSE A 202 9.07 1.18 -4.05
N THR A 203 7.40 3.37 -9.76
CA THR A 203 7.21 4.70 -10.30
C THR A 203 5.73 4.95 -10.63
N TRP A 204 5.10 3.93 -11.22
CA TRP A 204 3.71 4.05 -11.69
C TRP A 204 2.69 3.62 -10.64
N GLU A 205 3.06 2.77 -9.70
CA GLU A 205 2.07 2.22 -8.77
C GLU A 205 2.18 2.69 -7.32
N GLU A 206 3.29 3.32 -6.97
CA GLU A 206 3.49 3.81 -5.60
C GLU A 206 3.55 5.32 -5.51
N THR A 207 2.73 5.88 -4.63
CA THR A 207 2.76 7.29 -4.38
C THR A 207 3.99 7.61 -3.53
N SER A 208 4.50 6.60 -2.80
CA SER A 208 5.69 6.78 -1.97
C SER A 208 6.57 5.53 -1.98
N ASP A 209 7.77 5.65 -2.54
CA ASP A 209 8.70 4.53 -2.49
C ASP A 209 9.04 4.20 -1.03
N MSE A 210 9.24 5.24 -0.20
CA MSE A 210 9.52 5.04 1.23
C MSE A 210 8.42 4.23 1.91
O MSE A 210 8.68 3.23 2.60
CB MSE A 210 9.78 6.37 1.93
CG MSE A 210 10.07 6.21 3.41
SE MSE A 210 10.02 7.87 4.41
CE MSE A 210 11.41 8.55 3.59
N GLY A 211 7.19 4.70 1.74
CA GLY A 211 6.05 4.02 2.34
C GLY A 211 5.89 2.59 1.89
N ALA A 212 6.13 2.38 0.61
CA ALA A 212 6.01 1.05 0.01
C ALA A 212 7.00 0.10 0.67
N PHE A 213 8.26 0.54 0.72
CA PHE A 213 9.28 -0.34 1.34
C PHE A 213 9.08 -0.53 2.85
N ILE A 214 8.60 0.50 3.57
CA ILE A 214 8.26 0.35 5.00
C ILE A 214 7.15 -0.73 5.15
N SER A 215 6.13 -0.68 4.30
CA SER A 215 5.13 -1.74 4.33
C SER A 215 5.74 -3.10 4.01
N GLY A 216 6.71 -3.14 3.09
CA GLY A 216 7.44 -4.38 2.76
C GLY A 216 8.05 -4.93 4.04
N GLY A 217 8.81 -4.09 4.74
CA GLY A 217 9.32 -4.47 6.02
C GLY A 217 10.12 -5.74 6.03
N GLU A 218 9.82 -6.58 7.03
CA GLU A 218 10.55 -7.83 7.22
C GLU A 218 10.40 -8.80 6.07
N TYR A 219 9.39 -8.60 5.23
CA TYR A 219 9.16 -9.47 4.10
C TYR A 219 9.90 -9.07 2.83
N LEU A 220 10.55 -7.90 2.82
CA LEU A 220 11.20 -7.41 1.61
C LEU A 220 12.49 -8.14 1.41
N GLN A 221 12.56 -8.90 0.32
CA GLN A 221 13.69 -9.83 0.10
C GLN A 221 14.60 -9.48 -1.04
N HIS A 222 14.14 -8.60 -1.92
CA HIS A 222 14.88 -8.19 -3.10
C HIS A 222 14.33 -6.86 -3.56
N VAL A 223 15.14 -6.18 -4.39
CA VAL A 223 14.76 -4.91 -5.01
C VAL A 223 15.31 -4.88 -6.44
N HIS A 224 14.49 -4.41 -7.38
CA HIS A 224 14.95 -4.14 -8.74
C HIS A 224 15.10 -2.61 -8.96
N VAL A 225 16.10 -2.22 -9.77
CA VAL A 225 16.31 -0.82 -10.06
C VAL A 225 16.49 -0.64 -11.59
N ALA A 226 16.01 0.51 -12.06
CA ALA A 226 16.05 0.91 -13.46
C ALA A 226 15.81 2.40 -13.50
N SER A 227 16.15 3.04 -14.61
CA SER A 227 15.81 4.47 -14.83
C SER A 227 14.30 4.54 -14.86
N ARG A 228 13.77 5.73 -14.52
CA ARG A 228 12.35 5.87 -14.24
C ARG A 228 11.42 6.45 -15.32
N LYS A 229 11.92 6.69 -16.53
CA LYS A 229 11.08 7.10 -17.64
C LYS A 229 11.13 6.05 -18.73
N ARG A 230 12.33 5.54 -19.01
CA ARG A 230 12.55 4.54 -20.09
C ARG A 230 13.08 3.17 -19.69
N ARG A 231 13.13 2.89 -18.39
CA ARG A 231 13.55 1.59 -17.87
C ARG A 231 14.91 1.14 -18.42
N SER A 232 15.81 2.11 -18.39
CA SER A 232 17.18 1.91 -18.83
C SER A 232 18.18 2.06 -17.65
N MSE A 233 19.45 2.43 -17.89
CA MSE A 233 20.38 2.44 -16.75
C MSE A 233 20.13 3.65 -15.86
O MSE A 233 19.94 4.73 -16.38
CB MSE A 233 21.83 2.46 -17.21
CG MSE A 233 22.21 1.25 -18.01
SE MSE A 233 22.44 -0.31 -16.91
CE MSE A 233 22.82 -1.57 -18.42
N PRO A 234 20.12 3.45 -14.52
CA PRO A 234 19.93 4.60 -13.63
C PRO A 234 20.88 5.75 -13.97
N GLY A 235 20.29 6.93 -14.15
CA GLY A 235 21.00 8.12 -14.62
C GLY A 235 20.68 8.53 -16.07
N GLU A 236 20.27 7.56 -16.89
CA GLU A 236 19.97 7.85 -18.29
C GLU A 236 18.74 8.73 -18.44
N ASP A 237 17.86 8.74 -17.44
CA ASP A 237 16.71 9.62 -17.46
C ASP A 237 16.87 10.88 -16.59
N GLY A 238 18.12 11.25 -16.27
CA GLY A 238 18.41 12.52 -15.58
C GLY A 238 17.76 12.68 -14.23
N ASP A 239 17.11 13.82 -14.05
CA ASP A 239 16.46 14.14 -12.76
C ASP A 239 15.35 13.22 -12.36
N ALA A 240 14.78 12.45 -13.30
CA ALA A 240 13.77 11.47 -12.96
C ALA A 240 14.33 10.28 -12.17
N ASP A 241 15.65 10.07 -12.25
CA ASP A 241 16.28 8.91 -11.64
C ASP A 241 16.71 9.30 -10.25
N ASN A 242 15.70 9.37 -9.38
CA ASN A 242 15.90 9.75 -8.01
C ASN A 242 15.31 8.63 -7.17
N TYR A 243 16.16 7.97 -6.38
CA TYR A 243 15.85 6.78 -5.54
C TYR A 243 16.01 7.09 -4.05
N ILE A 244 16.18 8.36 -3.72
CA ILE A 244 16.50 8.76 -2.34
C ILE A 244 15.43 8.35 -1.34
N ASN A 245 14.18 8.70 -1.65
CA ASN A 245 13.01 8.40 -0.84
C ASN A 245 12.93 6.89 -0.58
N GLY A 246 13.06 6.09 -1.63
CA GLY A 246 13.06 4.65 -1.48
C GLY A 246 14.22 4.17 -0.62
N PHE A 247 15.41 4.69 -0.89
CA PHE A 247 16.57 4.32 -0.13
C PHE A 247 16.39 4.63 1.37
N LYS A 248 15.76 5.75 1.69
CA LYS A 248 15.43 6.07 3.09
C LYS A 248 14.56 4.98 3.71
N GLY A 249 13.60 4.49 2.95
CA GLY A 249 12.72 3.38 3.38
C GLY A 249 13.52 2.12 3.62
N LEU A 250 14.41 1.77 2.69
CA LEU A 250 15.31 0.61 2.88
C LEU A 250 16.16 0.73 4.16
N LYS A 251 16.74 1.91 4.43
CA LYS A 251 17.49 2.12 5.64
C LYS A 251 16.61 1.98 6.88
N MSE A 252 15.38 2.49 6.82
CA MSE A 252 14.50 2.46 7.97
CA MSE A 252 14.41 2.45 7.91
C MSE A 252 14.10 1.03 8.36
O MSE A 252 13.89 0.76 9.54
CB MSE A 252 13.30 3.35 7.74
CB MSE A 252 13.10 3.15 7.47
CG MSE A 252 13.71 4.81 7.57
CG MSE A 252 11.89 3.03 8.42
SE MSE A 252 12.34 5.86 6.81
SE MSE A 252 12.01 4.16 10.02
CE MSE A 252 11.22 5.69 8.39
CE MSE A 252 11.74 5.90 9.21
N ILE A 253 14.04 0.12 7.38
CA ILE A 253 13.74 -1.27 7.65
C ILE A 253 14.95 -2.17 7.86
N GLY A 254 16.16 -1.61 7.83
CA GLY A 254 17.38 -2.37 7.99
C GLY A 254 17.59 -3.38 6.86
N TYR A 255 17.17 -3.00 5.65
CA TYR A 255 17.25 -3.90 4.47
C TYR A 255 18.67 -4.38 4.25
N ASN A 256 18.88 -5.69 4.17
CA ASN A 256 20.22 -6.23 4.05
CA ASN A 256 20.24 -6.17 3.98
C ASN A 256 20.37 -7.22 2.90
N ASN A 257 19.42 -7.20 1.97
CA ASN A 257 19.48 -8.03 0.76
CA ASN A 257 19.55 -8.04 0.77
C ASN A 257 20.00 -7.17 -0.41
N TYR A 258 19.66 -7.52 -1.65
CA TYR A 258 20.27 -6.84 -2.81
C TYR A 258 19.38 -5.86 -3.50
N VAL A 259 20.04 -4.91 -4.17
CA VAL A 259 19.42 -3.94 -5.05
C VAL A 259 20.00 -4.28 -6.41
N SER A 260 19.14 -4.84 -7.27
CA SER A 260 19.56 -5.43 -8.51
C SER A 260 19.06 -4.76 -9.76
N PHE A 261 19.98 -4.52 -10.70
CA PHE A 261 19.65 -3.88 -11.94
C PHE A 261 18.82 -4.80 -12.86
N GLU A 262 17.64 -4.33 -13.28
CA GLU A 262 16.83 -4.98 -14.29
CA GLU A 262 16.81 -4.99 -14.29
C GLU A 262 16.39 -3.84 -15.19
N CYS A 263 17.08 -3.69 -16.30
CA CYS A 263 16.83 -2.55 -17.14
C CYS A 263 17.58 -2.72 -18.46
N GLY A 264 17.23 -1.85 -19.40
CA GLY A 264 17.85 -1.73 -20.70
C GLY A 264 19.02 -0.76 -20.65
N CYS A 265 19.44 -0.29 -21.84
CA CYS A 265 20.61 0.54 -21.95
C CYS A 265 20.48 1.40 -23.20
N GLN A 266 20.40 2.71 -23.02
CA GLN A 266 20.26 3.63 -24.14
C GLN A 266 21.62 3.97 -24.74
N GLY A 267 22.62 4.23 -23.89
CA GLY A 267 23.95 4.63 -24.37
C GLY A 267 25.00 3.54 -24.41
N ASP A 268 26.25 3.97 -24.39
CA ASP A 268 27.38 3.06 -24.41
C ASP A 268 27.43 2.36 -23.05
N ARG A 269 27.15 1.07 -23.07
CA ARG A 269 27.12 0.28 -21.87
C ARG A 269 28.39 0.42 -21.00
N ASN A 270 29.55 0.59 -21.64
CA ASN A 270 30.81 0.75 -20.93
C ASN A 270 30.92 2.06 -20.15
N VAL A 271 30.13 3.04 -20.53
CA VAL A 271 30.08 4.33 -19.83
C VAL A 271 28.89 4.41 -18.85
N VAL A 272 27.69 4.05 -19.33
CA VAL A 272 26.49 4.25 -18.52
C VAL A 272 26.33 3.24 -17.38
N VAL A 273 26.91 2.03 -17.48
CA VAL A 273 26.80 1.09 -16.36
C VAL A 273 27.61 1.62 -15.17
N PRO A 274 28.92 1.96 -15.35
CA PRO A 274 29.64 2.54 -14.20
C PRO A 274 28.97 3.80 -13.68
N ALA A 275 28.42 4.63 -14.55
CA ALA A 275 27.74 5.86 -14.12
C ALA A 275 26.54 5.55 -13.21
N ALA A 276 25.76 4.51 -13.57
CA ALA A 276 24.58 4.09 -12.79
C ALA A 276 25.01 3.59 -11.42
N VAL A 277 26.03 2.76 -11.38
CA VAL A 277 26.55 2.27 -10.07
C VAL A 277 26.99 3.46 -9.19
N LYS A 278 27.68 4.44 -9.79
CA LYS A 278 28.15 5.61 -9.08
C LYS A 278 26.98 6.45 -8.54
N LEU A 279 25.95 6.65 -9.37
CA LEU A 279 24.78 7.42 -9.01
C LEU A 279 24.02 6.78 -7.83
N LEU A 280 23.84 5.47 -7.89
CA LEU A 280 23.14 4.76 -6.82
C LEU A 280 23.91 4.84 -5.49
N ARG A 281 25.23 4.69 -5.53
CA ARG A 281 26.03 4.78 -4.31
C ARG A 281 26.00 6.20 -3.76
N GLU A 282 25.96 7.20 -4.64
CA GLU A 282 25.88 8.58 -4.16
C GLU A 282 24.53 8.85 -3.48
N GLN A 283 23.47 8.36 -4.07
CA GLN A 283 22.13 8.57 -3.50
C GLN A 283 21.96 7.80 -2.19
N TRP A 284 22.54 6.60 -2.10
CA TRP A 284 22.49 5.84 -0.88
C TRP A 284 23.16 6.61 0.26
N GLU A 285 24.31 7.22 -0.02
CA GLU A 285 25.00 8.02 1.01
C GLU A 285 24.18 9.24 1.43
N GLN A 286 23.38 9.79 0.52
CA GLN A 286 22.55 10.95 0.80
C GLN A 286 21.28 10.58 1.57
N ALA A 287 20.80 9.36 1.37
CA ALA A 287 19.59 8.91 2.04
C ALA A 287 19.77 8.81 3.56
N ASP B 23 6.34 19.84 16.71
CA ASP B 23 5.19 20.65 17.24
C ASP B 23 3.88 20.37 16.48
N LEU B 24 3.85 19.36 15.62
CA LEU B 24 2.60 19.03 14.88
C LEU B 24 1.47 18.66 15.88
N GLU B 25 0.32 19.29 15.74
CA GLU B 25 -0.85 19.02 16.60
C GLU B 25 -1.63 17.75 16.25
N LEU B 26 -2.07 17.01 17.28
CA LEU B 26 -3.01 15.91 17.12
C LEU B 26 -4.40 16.56 17.29
N LYS B 27 -5.15 16.60 16.18
CA LYS B 27 -6.48 17.19 16.15
CA LYS B 27 -6.49 17.19 16.18
C LYS B 27 -7.51 16.09 16.34
N LEU B 28 -7.96 15.88 17.57
CA LEU B 28 -8.90 14.82 17.82
C LEU B 28 -10.31 15.21 17.43
N SER B 29 -11.07 14.22 17.01
CA SER B 29 -12.44 14.41 16.54
C SER B 29 -13.27 13.21 17.03
N PHE B 30 -14.56 13.41 17.19
CA PHE B 30 -15.45 12.36 17.59
C PHE B 30 -16.62 12.24 16.61
N GLN B 31 -16.99 11.02 16.25
CA GLN B 31 -18.30 10.78 15.65
C GLN B 31 -19.35 11.16 16.68
N GLU B 32 -20.54 11.39 16.17
CA GLU B 32 -21.62 11.90 17.01
C GLU B 32 -22.05 11.03 18.18
N GLY B 33 -21.92 9.73 18.09
CA GLY B 33 -22.34 8.87 19.19
C GLY B 33 -21.28 8.61 20.28
N ILE B 34 -20.11 9.24 20.16
CA ILE B 34 -19.01 8.89 21.08
C ILE B 34 -19.14 9.47 22.48
N ALA B 35 -19.38 10.77 22.57
CA ALA B 35 -19.42 11.43 23.88
C ALA B 35 -20.68 11.11 24.67
N PRO B 36 -20.58 11.00 26.00
CA PRO B 36 -21.80 10.88 26.73
C PRO B 36 -22.59 12.17 26.64
N GLY B 37 -23.90 12.07 26.75
CA GLY B 37 -24.75 13.25 26.77
C GLY B 37 -26.09 12.91 26.18
N GLU B 38 -27.11 13.60 26.65
CA GLU B 38 -28.49 13.36 26.20
C GLU B 38 -28.93 14.28 25.06
N SER B 39 -28.05 15.17 24.63
CA SER B 39 -28.35 16.04 23.51
C SER B 39 -27.04 16.33 22.80
N LEU B 40 -27.14 16.92 21.62
CA LEU B 40 -25.97 17.33 20.88
C LEU B 40 -25.17 18.36 21.69
N ASN B 41 -25.82 19.34 22.30
CA ASN B 41 -25.08 20.32 23.05
C ASN B 41 -24.39 19.70 24.29
N GLU B 42 -24.99 18.70 24.93
CA GLU B 42 -24.29 18.07 26.08
C GLU B 42 -23.03 17.35 25.61
N LYS B 43 -23.14 16.68 24.46
CA LYS B 43 -21.96 15.98 23.91
C LYS B 43 -20.85 16.95 23.53
N LEU B 44 -21.23 18.10 22.93
CA LEU B 44 -20.26 19.12 22.55
C LEU B 44 -19.56 19.72 23.80
N ASP B 45 -20.31 19.91 24.88
CA ASP B 45 -19.74 20.42 26.13
C ASP B 45 -18.65 19.47 26.62
N PHE B 46 -18.96 18.18 26.52
CA PHE B 46 -18.00 17.14 26.94
C PHE B 46 -16.74 17.16 26.08
N MSE B 47 -16.94 17.33 24.78
CA MSE B 47 -15.85 17.45 23.80
CA MSE B 47 -15.83 17.41 23.85
C MSE B 47 -14.98 18.65 24.12
O MSE B 47 -13.74 18.57 24.08
CB MSE B 47 -16.41 17.56 22.36
CB MSE B 47 -16.36 17.39 22.43
CG MSE B 47 -16.74 16.24 21.65
CG MSE B 47 -17.08 16.10 22.13
SE MSE B 47 -17.40 16.40 19.80
SE MSE B 47 -18.09 16.07 20.50
CE MSE B 47 -19.31 16.26 20.16
CE MSE B 47 -16.63 16.40 19.33
N GLU B 48 -15.60 19.78 24.41
CA GLU B 48 -14.81 20.98 24.71
C GLU B 48 -13.99 20.76 26.00
N LYS B 49 -14.59 20.12 27.02
CA LYS B 49 -13.85 19.86 28.26
C LYS B 49 -12.59 19.06 27.99
N LEU B 50 -12.61 18.16 27.01
CA LEU B 50 -11.45 17.34 26.67
C LEU B 50 -10.58 17.93 25.56
N GLY B 51 -10.95 19.09 25.06
CA GLY B 51 -10.20 19.71 23.97
C GLY B 51 -10.29 18.93 22.66
N VAL B 52 -11.41 18.24 22.45
CA VAL B 52 -11.65 17.51 21.20
C VAL B 52 -12.21 18.56 20.27
N VAL B 53 -11.53 18.78 19.15
CA VAL B 53 -11.87 19.91 18.27
C VAL B 53 -12.62 19.58 16.98
N GLY B 54 -12.93 18.32 16.76
CA GLY B 54 -13.64 17.93 15.54
C GLY B 54 -14.89 17.13 15.86
N PHE B 55 -15.91 17.29 15.03
CA PHE B 55 -17.20 16.67 15.16
C PHE B 55 -17.55 16.06 13.83
N GLU B 56 -17.83 14.75 13.82
CA GLU B 56 -18.07 13.98 12.62
C GLU B 56 -19.46 13.37 12.55
N PRO B 57 -20.40 14.06 11.91
CA PRO B 57 -21.73 13.47 11.77
C PRO B 57 -21.85 12.53 10.61
N GLY B 58 -22.86 11.68 10.65
CA GLY B 58 -23.20 10.90 9.46
C GLY B 58 -23.83 11.78 8.39
N GLY B 59 -23.78 11.34 7.13
CA GLY B 59 -24.34 12.07 6.00
C GLY B 59 -25.85 12.03 5.79
N GLY B 60 -26.50 11.05 6.44
CA GLY B 60 -27.93 10.87 6.34
C GLY B 60 -28.67 12.08 6.83
N GLY B 61 -29.47 12.65 5.94
CA GLY B 61 -30.23 13.83 6.25
C GLY B 61 -29.41 15.06 6.57
N LEU B 62 -28.15 15.09 6.18
CA LEU B 62 -27.27 16.22 6.54
C LEU B 62 -27.78 17.62 6.13
N ALA B 63 -28.37 17.74 4.94
CA ALA B 63 -28.84 19.03 4.47
C ALA B 63 -29.81 19.64 5.45
N GLY B 64 -30.72 18.79 5.96
CA GLY B 64 -31.71 19.21 6.95
C GLY B 64 -31.16 19.50 8.35
N ARG B 65 -29.90 19.17 8.59
CA ARG B 65 -29.23 19.38 9.86
C ARG B 65 -28.22 20.53 9.84
N VAL B 66 -28.07 21.20 8.69
CA VAL B 66 -27.01 22.25 8.61
C VAL B 66 -27.20 23.29 9.67
N ASN B 67 -28.41 23.84 9.81
CA ASN B 67 -28.64 24.87 10.83
C ASN B 67 -28.47 24.37 12.26
N GLU B 68 -29.00 23.19 12.55
CA GLU B 68 -28.83 22.56 13.86
C GLU B 68 -27.35 22.48 14.25
N ILE B 69 -26.54 21.97 13.32
CA ILE B 69 -25.12 21.72 13.61
C ILE B 69 -24.39 23.06 13.72
N LYS B 70 -24.58 23.96 12.77
CA LYS B 70 -23.93 25.28 12.81
CA LYS B 70 -23.87 25.22 12.83
C LYS B 70 -24.19 26.01 14.08
N GLN B 71 -25.45 26.00 14.47
CA GLN B 71 -25.88 26.74 15.64
C GLN B 71 -25.32 26.12 16.90
N ALA B 72 -25.27 24.80 16.97
CA ALA B 72 -24.70 24.13 18.15
C ALA B 72 -23.19 24.41 18.28
N LEU B 73 -22.51 24.53 17.14
CA LEU B 73 -21.08 24.82 17.12
C LEU B 73 -20.69 26.29 17.30
N ASN B 74 -21.63 27.21 17.09
CA ASN B 74 -21.32 28.61 17.23
CA ASN B 74 -21.37 28.64 17.27
C ASN B 74 -20.75 28.90 18.63
N GLY B 75 -19.60 29.57 18.63
CA GLY B 75 -18.89 29.96 19.86
C GLY B 75 -18.04 28.87 20.51
N ARG B 76 -18.02 27.68 19.92
CA ARG B 76 -17.25 26.59 20.45
C ARG B 76 -15.95 26.43 19.71
N ASN B 77 -14.99 25.80 20.38
CA ASN B 77 -13.72 25.41 19.79
C ASN B 77 -13.89 24.00 19.18
N ILE B 78 -14.91 23.87 18.34
CA ILE B 78 -15.21 22.62 17.64
C ILE B 78 -15.66 22.95 16.21
N LYS B 79 -15.19 22.19 15.23
CA LYS B 79 -15.59 22.34 13.85
C LYS B 79 -15.98 21.00 13.29
N VAL B 80 -16.84 21.00 12.28
CA VAL B 80 -17.12 19.74 11.57
C VAL B 80 -15.84 19.22 10.92
N SER B 81 -15.51 17.96 11.12
CA SER B 81 -14.39 17.33 10.51
C SER B 81 -14.94 16.61 9.24
N ALA B 82 -14.87 15.28 9.15
CA ALA B 82 -15.44 14.60 8.00
C ALA B 82 -16.96 14.38 8.14
N ILE B 83 -17.59 13.99 7.05
CA ILE B 83 -18.96 13.53 7.05
C ILE B 83 -18.84 12.04 6.78
N CYS B 84 -19.45 11.21 7.64
CA CYS B 84 -19.31 9.76 7.41
C CYS B 84 -20.46 9.22 6.55
N ALA B 85 -20.16 9.02 5.26
CA ALA B 85 -21.08 8.36 4.34
C ALA B 85 -22.49 8.94 4.36
N GLY B 86 -23.51 8.09 4.26
CA GLY B 86 -24.91 8.52 4.29
C GLY B 86 -25.61 8.43 2.95
N PHE B 87 -24.85 8.16 1.89
CA PHE B 87 -25.38 8.05 0.53
C PHE B 87 -26.08 6.71 0.35
N LYS B 88 -26.92 6.64 -0.67
CA LYS B 88 -27.65 5.39 -1.00
CA LYS B 88 -27.66 5.42 -1.02
C LYS B 88 -27.02 4.79 -2.26
N GLY B 89 -27.22 3.48 -2.45
CA GLY B 89 -26.64 2.79 -3.57
C GLY B 89 -25.13 2.71 -3.44
N PHE B 90 -24.46 2.39 -4.54
CA PHE B 90 -23.00 2.32 -4.53
C PHE B 90 -22.51 2.49 -5.95
N ILE B 91 -21.30 3.02 -6.07
CA ILE B 91 -20.83 3.48 -7.35
C ILE B 91 -20.32 2.40 -8.28
N LEU B 92 -20.09 1.18 -7.76
CA LEU B 92 -19.64 0.05 -8.58
C LEU B 92 -20.77 -0.93 -8.94
N SER B 93 -22.02 -0.55 -8.69
CA SER B 93 -23.14 -1.39 -9.16
C SER B 93 -23.11 -1.61 -10.67
N THR B 94 -23.53 -2.79 -11.10
CA THR B 94 -23.71 -3.05 -12.52
C THR B 94 -24.95 -2.33 -13.05
N ASP B 95 -25.80 -1.87 -12.15
CA ASP B 95 -27.04 -1.13 -12.50
C ASP B 95 -26.78 0.36 -12.56
N PRO B 96 -26.84 0.96 -13.76
CA PRO B 96 -26.59 2.41 -13.82
C PRO B 96 -27.50 3.24 -12.94
N ALA B 97 -28.73 2.78 -12.71
CA ALA B 97 -29.65 3.52 -11.83
C ALA B 97 -29.14 3.58 -10.39
N ILE B 98 -28.50 2.50 -9.93
CA ILE B 98 -27.95 2.42 -8.54
C ILE B 98 -26.68 3.27 -8.46
N ARG B 99 -25.87 3.26 -9.53
CA ARG B 99 -24.69 4.15 -9.57
C ARG B 99 -25.15 5.61 -9.56
N LYS B 100 -26.20 5.92 -10.30
CA LYS B 100 -26.73 7.28 -10.32
C LYS B 100 -27.28 7.69 -8.94
N GLU B 101 -27.91 6.75 -8.23
CA GLU B 101 -28.44 7.00 -6.89
CA GLU B 101 -28.46 7.07 -6.90
C GLU B 101 -27.28 7.41 -5.97
N CYS B 102 -26.16 6.67 -6.09
CA CYS B 102 -25.00 6.97 -5.30
C CYS B 102 -24.48 8.37 -5.64
N MSE B 103 -24.36 8.71 -6.91
CA MSE B 103 -23.82 10.04 -7.24
CA MSE B 103 -23.86 10.04 -7.33
C MSE B 103 -24.78 11.15 -6.84
O MSE B 103 -24.33 12.15 -6.27
CB MSE B 103 -23.43 10.17 -8.70
CB MSE B 103 -23.77 10.12 -8.85
CG MSE B 103 -22.72 11.48 -8.95
CG MSE B 103 -23.26 11.46 -9.37
SE MSE B 103 -22.00 11.59 -10.71
SE MSE B 103 -21.38 11.77 -8.91
CE MSE B 103 -20.62 10.26 -10.56
CE MSE B 103 -20.59 10.48 -10.12
N ASP B 104 -26.08 10.97 -7.06
CA ASP B 104 -27.07 12.00 -6.67
C ASP B 104 -27.13 12.21 -5.17
N THR B 105 -27.20 11.11 -4.41
CA THR B 105 -27.21 11.25 -2.94
C THR B 105 -25.88 11.78 -2.37
N MSE B 106 -24.77 11.39 -2.99
CA MSE B 106 -23.46 11.95 -2.60
CA MSE B 106 -23.46 11.94 -2.61
C MSE B 106 -23.42 13.46 -2.84
O MSE B 106 -22.94 14.22 -2.01
CB MSE B 106 -22.32 11.28 -3.36
CB MSE B 106 -22.32 11.29 -3.41
CG MSE B 106 -21.86 10.00 -2.70
CG MSE B 106 -21.79 9.95 -2.88
SE MSE B 106 -21.00 10.29 -0.96
SE MSE B 106 -21.02 10.04 -1.07
CE MSE B 106 -19.30 11.10 -1.53
CE MSE B 106 -20.48 11.90 -1.16
N LYS B 107 -23.92 13.91 -3.99
CA LYS B 107 -23.93 15.35 -4.29
C LYS B 107 -24.77 16.14 -3.24
N GLU B 108 -25.92 15.62 -2.82
CA GLU B 108 -26.71 16.25 -1.77
CA GLU B 108 -26.70 16.29 -1.78
C GLU B 108 -25.88 16.41 -0.51
N ILE B 109 -25.19 15.35 -0.12
CA ILE B 109 -24.39 15.37 1.10
C ILE B 109 -23.20 16.30 0.98
N ILE B 110 -22.54 16.25 -0.19
CA ILE B 110 -21.36 17.09 -0.48
C ILE B 110 -21.68 18.58 -0.33
N ALA B 111 -22.84 18.98 -0.81
CA ALA B 111 -23.23 20.37 -0.75
C ALA B 111 -23.41 20.80 0.71
N ALA B 112 -24.03 19.97 1.53
CA ALA B 112 -24.20 20.25 2.95
C ALA B 112 -22.85 20.22 3.68
N ALA B 113 -22.02 19.27 3.32
CA ALA B 113 -20.66 19.14 3.88
C ALA B 113 -19.91 20.44 3.63
N GLY B 114 -20.08 21.00 2.45
CA GLY B 114 -19.37 22.25 2.08
C GLY B 114 -19.83 23.41 2.95
N GLU B 115 -21.14 23.51 3.14
CA GLU B 115 -21.67 24.53 4.00
C GLU B 115 -21.13 24.44 5.40
N LEU B 116 -20.91 23.21 5.90
CA LEU B 116 -20.45 22.95 7.25
C LEU B 116 -18.92 23.03 7.35
N GLY B 117 -18.24 23.31 6.24
CA GLY B 117 -16.76 23.40 6.27
C GLY B 117 -16.03 22.11 6.45
N SER B 118 -16.70 21.02 6.11
CA SER B 118 -16.15 19.68 6.30
C SER B 118 -14.91 19.40 5.49
N THR B 119 -14.00 18.58 6.06
CA THR B 119 -12.84 18.14 5.32
C THR B 119 -13.20 17.22 4.16
N GLY B 120 -14.37 16.58 4.20
CA GLY B 120 -14.83 15.77 3.10
C GLY B 120 -15.76 14.66 3.51
N VAL B 121 -16.37 14.04 2.51
CA VAL B 121 -17.40 13.00 2.68
C VAL B 121 -16.79 11.67 2.41
N ILE B 122 -16.83 10.81 3.42
CA ILE B 122 -16.29 9.50 3.39
C ILE B 122 -17.17 8.55 2.57
N ILE B 123 -16.54 7.74 1.73
CA ILE B 123 -17.23 6.82 0.85
C ILE B 123 -16.42 5.56 0.57
N VAL B 124 -17.09 4.43 0.77
CA VAL B 124 -16.60 3.12 0.41
C VAL B 124 -17.13 2.75 -1.00
N PRO B 125 -16.23 2.42 -1.93
CA PRO B 125 -16.69 2.07 -3.30
C PRO B 125 -17.68 0.93 -3.33
N ALA B 126 -17.37 -0.17 -2.63
CA ALA B 126 -18.32 -1.30 -2.55
C ALA B 126 -18.05 -2.17 -1.35
N PHE B 127 -19.09 -2.41 -0.56
CA PHE B 127 -19.03 -3.38 0.53
C PHE B 127 -19.13 -4.78 -0.07
N ASN B 128 -18.71 -5.81 0.67
CA ASN B 128 -18.86 -7.20 0.18
C ASN B 128 -20.24 -7.59 -0.35
N GLY B 129 -21.27 -7.19 0.34
CA GLY B 129 -22.64 -7.58 0.01
C GLY B 129 -23.33 -6.69 -1.01
N GLN B 130 -22.61 -5.68 -1.53
CA GLN B 130 -23.13 -4.82 -2.58
C GLN B 130 -22.82 -5.48 -3.91
N VAL B 131 -23.75 -6.34 -4.31
CA VAL B 131 -23.63 -7.05 -5.56
C VAL B 131 -25.04 -7.12 -6.20
N PRO B 132 -25.08 -7.23 -7.52
CA PRO B 132 -23.94 -7.34 -8.43
C PRO B 132 -23.14 -6.05 -8.58
N ALA B 133 -21.83 -6.26 -8.67
CA ALA B 133 -20.84 -5.20 -8.82
C ALA B 133 -19.96 -5.44 -10.05
N LEU B 134 -19.40 -4.34 -10.57
CA LEU B 134 -18.51 -4.44 -11.72
C LEU B 134 -17.31 -5.29 -11.33
N PRO B 135 -16.72 -6.04 -12.30
CA PRO B 135 -15.57 -6.87 -11.96
C PRO B 135 -14.36 -6.07 -11.52
N HIS B 136 -13.47 -6.70 -10.75
CA HIS B 136 -12.33 -6.00 -10.23
C HIS B 136 -11.20 -6.11 -11.26
N THR B 137 -11.19 -5.13 -12.17
CA THR B 137 -10.28 -5.12 -13.29
C THR B 137 -9.79 -3.71 -13.51
N MSE B 138 -8.79 -3.57 -14.36
CA MSE B 138 -8.28 -2.26 -14.65
C MSE B 138 -9.35 -1.34 -15.27
O MSE B 138 -9.41 -0.14 -14.97
CB MSE B 138 -7.06 -2.38 -15.57
CG MSE B 138 -6.41 -1.03 -15.79
SE MSE B 138 -5.44 -0.45 -14.17
CE MSE B 138 -5.33 1.35 -14.57
N GLU B 139 -10.17 -1.89 -16.18
CA GLU B 139 -11.18 -1.09 -16.83
CA GLU B 139 -11.26 -1.17 -16.85
C GLU B 139 -12.18 -0.57 -15.79
N THR B 140 -12.53 -1.35 -14.79
CA THR B 140 -13.41 -0.89 -13.71
C THR B 140 -12.72 0.21 -12.89
N ARG B 141 -11.43 0.02 -12.61
CA ARG B 141 -10.67 1.04 -11.86
C ARG B 141 -10.68 2.35 -12.60
N ASP B 142 -10.52 2.30 -13.94
CA ASP B 142 -10.59 3.57 -14.69
C ASP B 142 -11.96 4.20 -14.56
N PHE B 143 -13.01 3.37 -14.61
CA PHE B 143 -14.37 3.86 -14.49
C PHE B 143 -14.59 4.50 -13.10
N LEU B 144 -14.11 3.83 -12.06
CA LEU B 144 -14.19 4.39 -10.71
C LEU B 144 -13.49 5.74 -10.63
N CYS B 145 -12.30 5.85 -11.24
CA CYS B 145 -11.56 7.08 -11.22
C CYS B 145 -12.37 8.17 -11.91
N GLU B 146 -13.03 7.87 -13.03
CA GLU B 146 -13.87 8.88 -13.69
CA GLU B 146 -13.80 8.94 -13.66
C GLU B 146 -15.01 9.35 -12.82
N GLN B 147 -15.70 8.38 -12.19
CA GLN B 147 -16.84 8.72 -11.34
C GLN B 147 -16.41 9.58 -10.16
N PHE B 148 -15.26 9.27 -9.55
CA PHE B 148 -14.73 10.01 -8.44
C PHE B 148 -14.25 11.38 -8.90
N ASN B 149 -13.73 11.47 -10.11
CA ASN B 149 -13.28 12.76 -10.63
C ASN B 149 -14.48 13.71 -10.73
N GLU B 150 -15.61 13.17 -11.16
CA GLU B 150 -16.85 13.95 -11.30
C GLU B 150 -17.33 14.40 -9.90
N MSE B 151 -17.35 13.51 -8.93
CA MSE B 151 -17.76 13.92 -7.57
CA MSE B 151 -17.74 13.88 -7.55
C MSE B 151 -16.76 14.90 -6.96
O MSE B 151 -17.15 15.81 -6.23
CB MSE B 151 -18.09 12.75 -6.61
CB MSE B 151 -17.83 12.65 -6.64
CG MSE B 151 -17.35 11.53 -6.70
CG MSE B 151 -18.78 11.57 -7.14
SE MSE B 151 -18.12 10.11 -5.49
SE MSE B 151 -19.51 10.47 -5.76
CE MSE B 151 -19.94 9.93 -6.18
CE MSE B 151 -19.04 8.70 -6.42
N GLY B 152 -15.48 14.76 -7.27
CA GLY B 152 -14.46 15.63 -6.73
C GLY B 152 -14.55 17.05 -7.24
N THR B 153 -14.83 17.19 -8.52
CA THR B 153 -14.99 18.51 -9.14
C THR B 153 -16.17 19.20 -8.47
N PHE B 154 -17.26 18.47 -8.25
CA PHE B 154 -18.46 19.01 -7.57
C PHE B 154 -18.06 19.36 -6.12
N ALA B 155 -17.38 18.45 -5.44
CA ALA B 155 -16.94 18.74 -4.06
C ALA B 155 -16.10 19.99 -3.97
N ALA B 156 -15.10 20.11 -4.85
CA ALA B 156 -14.26 21.28 -4.85
C ALA B 156 -15.06 22.56 -5.09
N GLN B 157 -16.07 22.52 -5.95
CA GLN B 157 -16.88 23.72 -6.16
CA GLN B 157 -16.91 23.72 -6.18
C GLN B 157 -17.57 24.13 -4.85
N HIS B 158 -17.93 23.13 -4.04
CA HIS B 158 -18.57 23.37 -2.76
C HIS B 158 -17.58 23.52 -1.59
N GLY B 159 -16.28 23.56 -1.88
CA GLY B 159 -15.26 23.79 -0.86
C GLY B 159 -14.98 22.60 0.05
N THR B 160 -15.03 21.40 -0.53
CA THR B 160 -14.84 20.18 0.24
C THR B 160 -14.28 19.06 -0.65
N SER B 161 -14.30 17.83 -0.17
CA SER B 161 -13.83 16.71 -0.95
C SER B 161 -14.65 15.46 -0.73
N VAL B 162 -14.35 14.44 -1.53
CA VAL B 162 -14.83 13.08 -1.26
C VAL B 162 -13.56 12.28 -0.83
N ILE B 163 -13.75 11.32 0.07
CA ILE B 163 -12.65 10.61 0.71
C ILE B 163 -12.84 9.09 0.65
N PHE B 164 -11.98 8.42 -0.12
CA PHE B 164 -12.02 6.96 -0.20
C PHE B 164 -11.68 6.38 1.16
N GLU B 165 -12.48 5.43 1.65
CA GLU B 165 -12.11 4.72 2.86
C GLU B 165 -11.86 3.23 2.54
N PRO B 166 -10.64 2.76 2.77
CA PRO B 166 -10.38 1.31 2.69
C PRO B 166 -10.90 0.57 3.91
N LEU B 167 -11.49 -0.59 3.68
CA LEU B 167 -12.00 -1.40 4.76
C LEU B 167 -11.34 -2.76 4.75
N ASN B 168 -11.44 -3.48 5.87
CA ASN B 168 -10.85 -4.82 5.91
C ASN B 168 -11.75 -5.83 5.23
N ARG B 169 -11.16 -6.95 4.88
CA ARG B 169 -11.78 -8.09 4.17
C ARG B 169 -13.08 -8.58 4.71
N LYS B 170 -13.28 -8.46 6.02
CA LYS B 170 -14.56 -8.91 6.58
CA LYS B 170 -14.57 -8.89 6.57
C LYS B 170 -15.74 -8.03 6.11
N GLU B 171 -15.44 -6.80 5.65
CA GLU B 171 -16.45 -5.89 5.19
C GLU B 171 -16.36 -5.56 3.72
N CYS B 172 -15.17 -5.61 3.13
CA CYS B 172 -15.04 -5.32 1.70
C CYS B 172 -13.81 -5.99 1.12
N PHE B 173 -13.82 -6.26 -0.20
CA PHE B 173 -12.61 -6.74 -0.89
C PHE B 173 -11.99 -5.68 -1.81
N TYR B 174 -12.85 -4.88 -2.45
CA TYR B 174 -12.42 -3.95 -3.52
C TYR B 174 -11.26 -3.05 -3.16
N LEU B 175 -11.40 -2.37 -2.03
CA LEU B 175 -10.39 -1.38 -1.58
C LEU B 175 -10.13 -1.58 -0.11
N ARG B 176 -8.95 -2.10 0.18
CA ARG B 176 -8.55 -2.51 1.50
C ARG B 176 -7.34 -1.79 2.11
N GLN B 177 -6.50 -1.16 1.28
CA GLN B 177 -5.26 -0.55 1.76
C GLN B 177 -5.12 0.93 1.36
N VAL B 178 -4.50 1.66 2.26
CA VAL B 178 -4.33 3.09 2.11
C VAL B 178 -3.48 3.38 0.87
N ALA B 179 -2.41 2.60 0.64
CA ALA B 179 -1.56 2.81 -0.53
C ALA B 179 -2.35 2.71 -1.84
N ASP B 180 -3.35 1.82 -1.85
CA ASP B 180 -4.20 1.63 -3.04
C ASP B 180 -5.05 2.90 -3.19
N ALA B 181 -5.68 3.32 -2.09
CA ALA B 181 -6.53 4.54 -2.16
C ALA B 181 -5.70 5.74 -2.60
N ALA B 182 -4.47 5.86 -2.11
CA ALA B 182 -3.60 6.99 -2.42
C ALA B 182 -3.22 7.00 -3.90
N SER B 183 -2.99 5.82 -4.49
CA SER B 183 -2.69 5.72 -5.88
C SER B 183 -3.90 6.13 -6.71
N LEU B 184 -5.09 5.69 -6.32
CA LEU B 184 -6.33 6.14 -6.98
C LEU B 184 -6.34 7.67 -6.98
N CYS B 185 -6.05 8.28 -5.82
CA CYS B 185 -6.08 9.74 -5.72
C CYS B 185 -5.03 10.40 -6.61
N ARG B 186 -3.84 9.84 -6.63
CA ARG B 186 -2.76 10.41 -7.50
C ARG B 186 -3.16 10.36 -8.98
N ASP B 187 -3.74 9.25 -9.39
CA ASP B 187 -4.17 9.08 -10.78
C ASP B 187 -5.33 10.00 -11.13
N ILE B 188 -6.22 10.24 -10.19
CA ILE B 188 -7.40 11.11 -10.40
C ILE B 188 -6.94 12.57 -10.47
N ASN B 189 -5.97 12.92 -9.63
CA ASN B 189 -5.35 14.26 -9.64
C ASN B 189 -6.35 15.40 -9.54
N ASN B 190 -7.18 15.34 -8.50
CA ASN B 190 -8.27 16.31 -8.29
C ASN B 190 -8.21 16.70 -6.83
N PRO B 191 -8.12 18.00 -6.51
CA PRO B 191 -8.04 18.32 -5.08
CA PRO B 191 -8.07 18.40 -5.09
C PRO B 191 -9.29 17.95 -4.30
N GLY B 192 -10.41 17.73 -4.98
CA GLY B 192 -11.63 17.25 -4.32
C GLY B 192 -11.73 15.74 -4.11
N VAL B 193 -10.68 15.00 -4.45
CA VAL B 193 -10.65 13.52 -4.30
C VAL B 193 -9.44 13.19 -3.43
N ARG B 194 -9.76 12.66 -2.25
CA ARG B 194 -8.77 12.32 -1.25
CA ARG B 194 -8.78 12.33 -1.22
C ARG B 194 -9.01 10.92 -0.67
N CYS B 195 -8.18 10.52 0.33
CA CYS B 195 -8.33 9.23 0.96
C CYS B 195 -8.10 9.32 2.46
N MSE B 196 -8.27 8.18 3.13
CA MSE B 196 -8.09 8.08 4.56
C MSE B 196 -7.62 6.69 4.95
O MSE B 196 -7.59 5.77 4.12
CB MSE B 196 -9.42 8.41 5.27
CG MSE B 196 -10.54 7.41 5.08
SE MSE B 196 -12.08 7.79 6.24
CE MSE B 196 -11.33 7.20 7.92
N GLY B 197 -7.27 6.55 6.20
CA GLY B 197 -7.02 5.23 6.81
C GLY B 197 -7.82 5.12 8.11
N ASP B 198 -8.32 3.93 8.38
CA ASP B 198 -9.11 3.64 9.60
C ASP B 198 -8.26 2.64 10.37
N PHE B 199 -7.76 3.02 11.54
CA PHE B 199 -6.89 2.13 12.31
C PHE B 199 -7.51 0.77 12.60
N TRP B 200 -8.84 0.70 12.76
CA TRP B 200 -9.48 -0.60 12.92
C TRP B 200 -9.18 -1.47 11.68
N HIS B 201 -9.52 -0.94 10.51
CA HIS B 201 -9.34 -1.72 9.25
C HIS B 201 -7.87 -2.00 8.96
N MSE B 202 -7.03 -1.01 9.27
CA MSE B 202 -5.59 -1.09 9.01
C MSE B 202 -4.95 -2.21 9.82
O MSE B 202 -3.93 -2.79 9.42
CB MSE B 202 -4.93 0.25 9.33
CG MSE B 202 -5.34 1.37 8.45
SE MSE B 202 -4.79 3.11 9.02
CE MSE B 202 -2.89 2.87 8.68
N THR B 203 -5.56 -2.53 10.97
CA THR B 203 -5.00 -3.61 11.77
C THR B 203 -4.87 -4.90 10.98
N TRP B 204 -5.87 -5.15 10.13
CA TRP B 204 -6.03 -6.38 9.40
C TRP B 204 -5.44 -6.32 8.00
N GLU B 205 -5.34 -5.11 7.47
CA GLU B 205 -4.89 -4.95 6.08
C GLU B 205 -3.54 -4.28 5.88
N GLU B 206 -2.98 -3.68 6.89
CA GLU B 206 -1.67 -3.05 6.75
C GLU B 206 -0.63 -3.73 7.59
N THR B 207 0.48 -4.09 6.95
CA THR B 207 1.62 -4.59 7.66
C THR B 207 2.29 -3.48 8.41
N SER B 208 2.15 -2.26 7.93
CA SER B 208 2.72 -1.09 8.62
C SER B 208 1.79 0.09 8.55
N ASP B 209 1.32 0.54 9.71
CA ASP B 209 0.50 1.75 9.73
C ASP B 209 1.33 2.96 9.26
N MSE B 210 2.59 3.01 9.66
CA MSE B 210 3.48 4.08 9.21
C MSE B 210 3.62 4.12 7.69
O MSE B 210 3.46 5.19 7.09
CB MSE B 210 4.89 3.93 9.84
CG MSE B 210 5.80 5.05 9.46
SE MSE B 210 7.60 4.64 10.20
CE MSE B 210 7.24 4.74 11.89
N GLY B 211 3.95 2.98 7.06
CA GLY B 211 4.12 2.93 5.61
C GLY B 211 2.82 3.29 4.89
N ALA B 212 1.71 2.80 5.42
CA ALA B 212 0.40 3.12 4.83
C ALA B 212 0.12 4.61 4.84
N PHE B 213 0.33 5.25 5.98
CA PHE B 213 0.08 6.69 6.06
C PHE B 213 1.06 7.48 5.22
N ILE B 214 2.32 7.05 5.14
CA ILE B 214 3.32 7.69 4.26
C ILE B 214 2.86 7.62 2.80
N SER B 215 2.38 6.44 2.35
CA SER B 215 1.81 6.33 1.01
C SER B 215 0.62 7.27 0.86
N GLY B 216 -0.21 7.35 1.91
CA GLY B 216 -1.31 8.33 1.92
C GLY B 216 -0.82 9.75 1.59
N GLY B 217 0.17 10.20 2.35
CA GLY B 217 0.83 11.45 2.11
C GLY B 217 -0.08 12.61 1.93
N GLU B 218 0.14 13.36 0.85
CA GLU B 218 -0.64 14.57 0.62
C GLU B 218 -2.12 14.28 0.37
N TYR B 219 -2.48 13.03 0.05
CA TYR B 219 -3.87 12.69 -0.20
C TYR B 219 -4.64 12.31 1.07
N LEU B 220 -3.94 12.14 2.19
CA LEU B 220 -4.59 11.69 3.43
C LEU B 220 -5.34 12.83 4.06
N GLN B 221 -6.68 12.70 4.07
CA GLN B 221 -7.58 13.77 4.48
C GLN B 221 -8.28 13.56 5.82
N HIS B 222 -8.27 12.31 6.31
CA HIS B 222 -8.96 11.94 7.56
C HIS B 222 -8.37 10.64 8.07
N VAL B 223 -8.55 10.41 9.36
CA VAL B 223 -8.17 9.19 10.02
C VAL B 223 -9.26 8.78 10.99
N HIS B 224 -9.54 7.47 11.04
CA HIS B 224 -10.47 6.90 12.03
C HIS B 224 -9.64 6.10 13.03
N VAL B 225 -10.13 6.09 14.27
CA VAL B 225 -9.45 5.39 15.34
C VAL B 225 -10.48 4.64 16.20
N ALA B 226 -10.05 3.49 16.68
CA ALA B 226 -10.79 2.55 17.48
C ALA B 226 -9.79 1.59 18.14
N SER B 227 -10.23 0.89 19.17
CA SER B 227 -9.39 -0.18 19.79
C SER B 227 -9.24 -1.28 18.75
N ARG B 228 -8.17 -2.05 18.86
CA ARG B 228 -7.77 -2.87 17.74
C ARG B 228 -8.07 -4.36 17.79
N LYS B 229 -8.81 -4.78 18.82
CA LYS B 229 -9.35 -6.15 18.85
C LYS B 229 -10.87 -6.16 18.76
N ARG B 230 -11.50 -5.21 19.44
CA ARG B 230 -12.95 -5.18 19.56
C ARG B 230 -13.62 -3.94 18.99
N ARG B 231 -12.83 -3.07 18.39
CA ARG B 231 -13.37 -1.83 17.79
C ARG B 231 -14.18 -1.02 18.77
N SER B 232 -13.62 -0.91 19.99
CA SER B 232 -14.27 -0.15 21.07
C SER B 232 -13.35 1.05 21.39
N MSE B 233 -13.42 1.60 22.60
CA MSE B 233 -12.64 2.81 22.85
C MSE B 233 -11.15 2.53 22.95
O MSE B 233 -10.76 1.58 23.62
CB MSE B 233 -13.12 3.51 24.15
CG MSE B 233 -14.50 4.02 24.08
SE MSE B 233 -14.61 5.67 22.99
CE MSE B 233 -16.47 5.64 22.92
N PRO B 234 -10.31 3.33 22.30
CA PRO B 234 -8.88 3.09 22.43
C PRO B 234 -8.46 3.01 23.90
N GLY B 235 -7.74 1.93 24.22
CA GLY B 235 -7.38 1.60 25.57
C GLY B 235 -8.14 0.37 26.09
N GLU B 236 -9.36 0.13 25.59
CA GLU B 236 -10.16 -1.00 26.09
C GLU B 236 -9.57 -2.34 25.68
N ASP B 237 -8.66 -2.37 24.69
CA ASP B 237 -7.99 -3.61 24.31
C ASP B 237 -6.51 -3.69 24.77
N GLY B 238 -6.19 -2.91 25.79
CA GLY B 238 -4.86 -2.95 26.42
C GLY B 238 -3.71 -2.77 25.45
N ASP B 239 -2.77 -3.71 25.47
CA ASP B 239 -1.55 -3.57 24.67
C ASP B 239 -1.76 -3.62 23.18
N ALA B 240 -2.91 -4.11 22.75
CA ALA B 240 -3.23 -4.14 21.33
C ALA B 240 -3.44 -2.73 20.81
N ASP B 241 -3.83 -1.81 21.72
CA ASP B 241 -4.16 -0.43 21.33
C ASP B 241 -2.90 0.45 21.30
N ASN B 242 -2.11 0.20 20.25
CA ASN B 242 -0.84 0.84 20.02
C ASN B 242 -0.83 1.50 18.65
N TYR B 243 -0.78 2.83 18.67
CA TYR B 243 -0.92 3.63 17.46
C TYR B 243 0.39 4.39 17.14
N ILE B 244 1.46 4.09 17.86
CA ILE B 244 2.69 4.88 17.75
C ILE B 244 3.28 4.85 16.35
N ASN B 245 3.36 3.68 15.77
CA ASN B 245 3.88 3.50 14.41
C ASN B 245 3.06 4.33 13.43
N GLY B 246 1.75 4.28 13.54
CA GLY B 246 0.90 5.11 12.67
C GLY B 246 1.15 6.58 12.90
N PHE B 247 1.23 6.97 14.19
CA PHE B 247 1.47 8.38 14.51
C PHE B 247 2.82 8.87 13.96
N LYS B 248 3.81 7.99 13.93
CA LYS B 248 5.08 8.40 13.33
C LYS B 248 4.87 8.69 11.84
N GLY B 249 4.04 7.91 11.17
CA GLY B 249 3.71 8.17 9.75
C GLY B 249 3.00 9.50 9.58
N LEU B 250 2.03 9.78 10.46
CA LEU B 250 1.30 11.03 10.37
C LEU B 250 2.24 12.22 10.57
N LYS B 251 3.20 12.07 11.46
CA LYS B 251 4.14 13.17 11.69
C LYS B 251 5.07 13.34 10.48
N MSE B 252 5.46 12.24 9.88
CA MSE B 252 6.41 12.33 8.77
CA MSE B 252 6.37 12.22 8.72
C MSE B 252 5.78 13.01 7.55
O MSE B 252 6.49 13.69 6.84
CB MSE B 252 6.99 10.96 8.48
CB MSE B 252 6.64 10.77 8.27
CG MSE B 252 7.79 10.47 9.66
CG MSE B 252 7.42 10.60 6.95
SE MSE B 252 8.11 8.58 9.54
SE MSE B 252 9.30 11.03 7.08
CE MSE B 252 9.22 8.75 7.95
CE MSE B 252 9.74 9.65 8.31
N ILE B 253 4.46 12.87 7.37
CA ILE B 253 3.75 13.54 6.30
C ILE B 253 3.21 14.95 6.67
N GLY B 254 3.38 15.39 7.91
CA GLY B 254 2.91 16.72 8.31
C GLY B 254 1.41 16.77 8.38
N TYR B 255 0.80 15.65 8.75
CA TYR B 255 -0.65 15.54 8.73
C TYR B 255 -1.32 16.62 9.51
N ASN B 256 -2.22 17.36 8.85
CA ASN B 256 -2.87 18.44 9.57
CA ASN B 256 -2.89 18.48 9.49
C ASN B 256 -4.41 18.41 9.56
N ASN B 257 -4.99 17.24 9.32
CA ASN B 257 -6.43 17.04 9.40
C ASN B 257 -6.74 16.34 10.76
N TYR B 258 -7.84 15.61 10.85
CA TYR B 258 -8.31 15.07 12.11
C TYR B 258 -8.09 13.58 12.29
N VAL B 259 -8.04 13.18 13.57
CA VAL B 259 -7.98 11.75 13.97
C VAL B 259 -9.28 11.60 14.75
N SER B 260 -10.24 10.88 14.16
CA SER B 260 -11.61 10.85 14.64
C SER B 260 -12.03 9.48 15.13
N PHE B 261 -12.64 9.42 16.30
CA PHE B 261 -13.11 8.19 16.86
C PHE B 261 -14.36 7.64 16.11
N GLU B 262 -14.25 6.38 15.65
CA GLU B 262 -15.37 5.63 15.10
CA GLU B 262 -15.38 5.63 15.10
C GLU B 262 -15.26 4.27 15.79
N CYS B 263 -16.03 4.08 16.87
CA CYS B 263 -15.93 2.89 17.66
C CYS B 263 -17.06 2.73 18.63
N GLY B 264 -17.10 1.52 19.18
CA GLY B 264 -18.04 1.15 20.23
C GLY B 264 -17.47 1.52 21.60
N CYS B 265 -18.10 0.99 22.63
CA CYS B 265 -17.74 1.32 23.99
C CYS B 265 -18.11 0.18 24.91
N GLN B 266 -17.15 -0.35 25.66
CA GLN B 266 -17.44 -1.43 26.60
C GLN B 266 -17.72 -0.95 28.03
N GLY B 267 -16.89 -0.03 28.52
CA GLY B 267 -17.07 0.49 29.85
C GLY B 267 -18.00 1.68 29.94
N ASP B 268 -17.92 2.36 31.08
CA ASP B 268 -18.68 3.57 31.31
C ASP B 268 -18.08 4.68 30.48
N ARG B 269 -18.88 5.27 29.62
CA ARG B 269 -18.43 6.24 28.68
C ARG B 269 -17.80 7.46 29.34
N ASN B 270 -18.32 7.85 30.52
CA ASN B 270 -17.74 8.97 31.25
C ASN B 270 -16.30 8.67 31.73
N VAL B 271 -15.98 7.39 31.83
CA VAL B 271 -14.68 6.95 32.29
C VAL B 271 -13.73 6.63 31.14
N VAL B 272 -14.23 5.82 30.18
CA VAL B 272 -13.38 5.32 29.13
C VAL B 272 -13.14 6.31 27.99
N VAL B 273 -14.04 7.26 27.73
CA VAL B 273 -13.79 8.23 26.67
C VAL B 273 -12.61 9.11 27.05
N PRO B 274 -12.59 9.70 28.26
CA PRO B 274 -11.40 10.45 28.59
C PRO B 274 -10.13 9.59 28.61
N ALA B 275 -10.22 8.34 29.03
CA ALA B 275 -9.08 7.42 29.06
C ALA B 275 -8.51 7.24 27.66
N ALA B 276 -9.40 7.16 26.63
CA ALA B 276 -8.98 7.01 25.22
C ALA B 276 -8.24 8.26 24.74
N VAL B 277 -8.82 9.43 25.03
CA VAL B 277 -8.17 10.69 24.66
C VAL B 277 -6.76 10.78 25.29
N LYS B 278 -6.68 10.46 26.56
CA LYS B 278 -5.39 10.48 27.28
C LYS B 278 -4.36 9.56 26.63
N LEU B 279 -4.77 8.34 26.34
CA LEU B 279 -3.91 7.34 25.69
CA LEU B 279 -3.91 7.34 25.69
C LEU B 279 -3.39 7.85 24.35
N LEU B 280 -4.29 8.35 23.49
CA LEU B 280 -3.85 8.84 22.17
C LEU B 280 -2.86 10.02 22.30
N ARG B 281 -3.14 10.90 23.27
CA ARG B 281 -2.22 12.03 23.48
C ARG B 281 -0.86 11.58 23.97
N GLU B 282 -0.82 10.59 24.86
CA GLU B 282 0.44 10.05 25.39
CA GLU B 282 0.45 10.09 25.38
C GLU B 282 1.21 9.43 24.23
N GLN B 283 0.51 8.66 23.41
CA GLN B 283 1.18 8.00 22.28
C GLN B 283 1.68 8.98 21.21
N TRP B 284 0.92 10.06 21.02
CA TRP B 284 1.31 11.10 20.07
C TRP B 284 2.65 11.71 20.52
N GLU B 285 2.77 12.00 21.81
CA GLU B 285 3.99 12.58 22.36
CA GLU B 285 4.02 12.61 22.29
C GLU B 285 5.17 11.64 22.16
N GLN B 286 4.92 10.35 22.30
CA GLN B 286 6.02 9.36 22.11
C GLN B 286 6.46 9.11 20.66
N ALA B 287 5.58 9.39 19.72
CA ALA B 287 5.85 9.13 18.30
C ALA B 287 6.90 10.08 17.77
MG MG C . 11.45 -6.56 -11.90
C1 PEG D . 14.06 -16.25 4.18
O1 PEG D . 13.71 -16.06 5.56
C2 PEG D . 15.58 -16.19 4.01
O2 PEG D . 15.90 -16.32 2.62
C3 PEG D . 16.74 -17.42 2.25
C4 PEG D . 18.24 -17.09 2.30
O4 PEG D . 18.49 -15.76 1.80
C1 PEG E . 0.34 9.41 -12.21
O1 PEG E . -0.31 10.68 -12.45
C2 PEG E . 1.79 9.66 -11.79
O2 PEG E . 2.65 8.57 -12.16
C3 PEG E . 4.06 8.74 -11.86
C4 PEG E . 4.66 9.96 -12.55
O4 PEG E . 6.04 9.80 -12.91
MG MG F . -14.10 4.06 9.40
C1 PEG G . -2.47 -11.42 10.33
O1 PEG G . -1.52 -12.45 10.62
C2 PEG G . -2.18 -10.22 11.20
O2 PEG G . -3.40 -9.60 11.63
C3 PEG G . -3.16 -8.58 12.63
C4 PEG G . -3.15 -9.20 14.02
O4 PEG G . -2.99 -8.23 15.06
#